data_2VFQ
#
_entry.id   2VFQ
#
_cell.length_a   119.990
_cell.length_b   119.990
_cell.length_c   119.990
_cell.angle_alpha   90.00
_cell.angle_beta   90.00
_cell.angle_gamma   90.00
#
_symmetry.space_group_name_H-M   'P 21 3'
#
loop_
_entity.id
_entity.type
_entity.pdbx_description
1 polymer 'P22 TAILSPIKE PROTEIN,'
2 non-polymer GLYCEROL
3 non-polymer 'SULFATE ION'
4 non-polymer 'CALCIUM ION'
5 water water
#
_entity_poly.entity_id   1
_entity_poly.type   'polypeptide(L)'
_entity_poly.pdbx_seq_one_letter_code
;MDPDQYSIEADKKFKYSVKLSDYPTLQDAASAAVDGLLIDRDYNFYGGETVDFGGKVLTIECKAKFIGDGNLIFTKLGKG
SRIAGVFMESTTTPWVIKPWTDDNQWLTDAAAVVATLKQSKTDGYQPTVSDYVKFPGIETLLPPNAKGQNITSTLEIREC
IGVEVHRASGLMAGFLFRGCHFCKMVDANNPSGGKDGIITFENLSGDWGKGNYVIGGRTSYGSVSSAQFLRNNGGFERDG
GVIGFTSYRAGESGVKTWQGTVGSTTSRNYNLQFRDSVVIYPVWDGFDLGADTDMNPELDRPGDYPITQYPLHQLPLNHL
IDNLLVRGALGVGFGMDGKGMYASNITVEDCAGSGAYLLTHESVFTNIAIIDTNTKDFQANQIYISGACRVNGLRLIGIR
STDGQSLTIDAPNSTVSGITGMVDPSRINVANLAEEGLGNIRANSFGYDSAAIKLRIHKLSKTLDSGALYSHINGGAGSG
SAYTQLTAISGSTPDAVSLKVNHKDCRGAEIPFVPDIASDDFIKDSSCFLPYWENNSTSLKALVKKPNGELVRLTLATL
;
_entity_poly.pdbx_strand_id   A
#
loop_
_chem_comp.id
_chem_comp.type
_chem_comp.name
_chem_comp.formula
CA non-polymer 'CALCIUM ION' 'Ca 2'
GOL non-polymer GLYCEROL 'C3 H8 O3'
SO4 non-polymer 'SULFATE ION' 'O4 S -2'
#
# COMPACT_ATOMS: atom_id res chain seq x y z
N ASP A 4 55.60 -16.74 -35.01
CA ASP A 4 55.73 -15.93 -33.76
C ASP A 4 55.24 -14.50 -33.96
N GLN A 5 55.36 -13.99 -35.19
CA GLN A 5 54.92 -12.62 -35.52
C GLN A 5 53.39 -12.47 -35.46
N TYR A 6 52.67 -13.45 -36.00
CA TYR A 6 51.21 -13.41 -35.96
C TYR A 6 50.68 -13.40 -34.53
N SER A 7 51.27 -14.23 -33.67
CA SER A 7 50.82 -14.34 -32.28
C SER A 7 50.95 -13.01 -31.53
N ILE A 8 51.98 -12.24 -31.84
CA ILE A 8 52.15 -10.90 -31.25
C ILE A 8 51.00 -9.99 -31.69
N GLU A 9 50.68 -10.00 -32.98
CA GLU A 9 49.63 -9.15 -33.53
C GLU A 9 48.25 -9.62 -33.03
N ALA A 10 48.06 -10.94 -32.97
CA ALA A 10 46.79 -11.52 -32.55
C ALA A 10 46.48 -11.18 -31.10
N ASP A 11 47.48 -11.31 -30.24
CA ASP A 11 47.32 -10.96 -28.82
C ASP A 11 46.94 -9.49 -28.61
N LYS A 12 47.32 -8.63 -29.54
CA LYS A 12 46.97 -7.21 -29.45
C LYS A 12 45.63 -6.84 -30.05
N LYS A 13 45.16 -7.59 -31.05
CA LYS A 13 44.00 -7.16 -31.83
C LYS A 13 42.68 -7.87 -31.52
N PHE A 14 42.72 -8.93 -30.73
CA PHE A 14 41.53 -9.69 -30.40
C PHE A 14 41.06 -9.51 -28.96
N LYS A 15 39.74 -9.55 -28.78
CA LYS A 15 39.11 -9.45 -27.46
C LYS A 15 39.32 -10.74 -26.68
N TYR A 16 39.69 -10.59 -25.41
CA TYR A 16 39.93 -11.74 -24.57
C TYR A 16 38.66 -12.24 -23.89
N SER A 17 38.37 -13.52 -24.08
CA SER A 17 37.27 -14.18 -23.40
C SER A 17 37.57 -15.66 -23.31
N VAL A 18 37.31 -16.23 -22.15
CA VAL A 18 37.34 -17.68 -21.97
C VAL A 18 35.89 -18.17 -21.90
N LYS A 19 35.71 -19.45 -22.17
CA LYS A 19 34.37 -20.03 -22.20
C LYS A 19 34.36 -21.33 -21.42
N LEU A 20 33.26 -21.56 -20.70
CA LEU A 20 33.16 -22.68 -19.76
C LEU A 20 33.29 -24.04 -20.44
N SER A 21 32.96 -24.12 -21.73
CA SER A 21 33.07 -25.38 -22.47
C SER A 21 34.51 -25.89 -22.55
N ASP A 22 35.49 -25.02 -22.30
CA ASP A 22 36.90 -25.42 -22.35
C ASP A 22 37.46 -25.88 -21.01
N TYR A 23 36.65 -25.86 -19.95
CA TYR A 23 37.13 -26.17 -18.58
C TYR A 23 36.23 -27.16 -17.85
N PRO A 24 36.81 -27.97 -16.97
CA PRO A 24 36.03 -28.94 -16.22
C PRO A 24 35.25 -28.34 -15.05
N THR A 25 35.71 -27.23 -14.49
CA THR A 25 35.02 -26.57 -13.38
C THR A 25 34.89 -25.08 -13.62
N LEU A 26 33.93 -24.46 -12.95
CA LEU A 26 33.75 -23.02 -13.08
C LEU A 26 34.96 -22.25 -12.52
N GLN A 27 35.55 -22.73 -11.43
CA GLN A 27 36.78 -22.11 -10.91
C GLN A 27 37.93 -22.10 -11.91
N ASP A 28 38.07 -23.19 -12.67
CA ASP A 28 39.12 -23.27 -13.70
C ASP A 28 38.93 -22.18 -14.76
N ALA A 29 37.68 -21.98 -15.16
CA ALA A 29 37.36 -20.94 -16.13
C ALA A 29 37.62 -19.55 -15.53
N ALA A 30 37.18 -19.35 -14.29
CA ALA A 30 37.35 -18.07 -13.60
C ALA A 30 38.83 -17.68 -13.49
N SER A 31 39.66 -18.66 -13.09
CA SER A 31 41.10 -18.48 -13.00
C SER A 31 41.74 -18.08 -14.33
N ALA A 32 41.28 -18.66 -15.42
CA ALA A 32 41.82 -18.38 -16.77
C ALA A 32 41.38 -17.03 -17.32
N ALA A 33 40.24 -16.54 -16.84
CA ALA A 33 39.63 -15.34 -17.39
C ALA A 33 40.47 -14.10 -17.14
N VAL A 34 40.44 -13.20 -18.12
CA VAL A 34 41.12 -11.91 -18.04
C VAL A 34 40.16 -10.74 -18.27
N ASP A 35 39.23 -10.88 -19.21
CA ASP A 35 38.31 -9.80 -19.58
C ASP A 35 36.89 -10.40 -19.63
N GLY A 36 36.63 -11.21 -20.64
CA GLY A 36 35.33 -11.88 -20.76
C GLY A 36 35.32 -13.30 -20.24
N LEU A 37 34.14 -13.73 -19.79
CA LEU A 37 33.88 -15.13 -19.45
C LEU A 37 32.50 -15.49 -20.00
N LEU A 38 32.47 -16.49 -20.89
CA LEU A 38 31.22 -16.95 -21.54
C LEU A 38 30.75 -18.25 -20.93
N ILE A 39 29.52 -18.28 -20.45
CA ILE A 39 28.94 -19.53 -19.95
C ILE A 39 28.17 -20.13 -21.13
N ASP A 40 28.82 -21.07 -21.84
CA ASP A 40 28.27 -21.62 -23.09
C ASP A 40 27.88 -23.10 -23.00
N ARG A 41 27.85 -23.64 -21.78
CA ARG A 41 27.33 -24.96 -21.50
C ARG A 41 26.64 -24.93 -20.14
N ASP A 42 25.59 -25.72 -19.98
CA ASP A 42 24.97 -25.86 -18.67
C ASP A 42 26.00 -26.36 -17.65
N TYR A 43 25.91 -25.85 -16.43
CA TYR A 43 26.86 -26.19 -15.39
C TYR A 43 26.12 -26.61 -14.13
N ASN A 44 26.33 -27.86 -13.73
CA ASN A 44 25.77 -28.39 -12.50
C ASN A 44 26.70 -28.02 -11.37
N PHE A 45 26.21 -27.25 -10.41
CA PHE A 45 27.01 -26.81 -9.27
C PHE A 45 26.50 -27.49 -8.03
N TYR A 46 27.39 -27.71 -7.07
CA TYR A 46 26.97 -28.21 -5.76
C TYR A 46 26.71 -27.03 -4.81
N GLY A 47 25.77 -27.22 -3.88
CA GLY A 47 25.43 -26.17 -2.92
C GLY A 47 26.66 -25.69 -2.16
N GLY A 48 26.89 -24.38 -2.17
CA GLY A 48 28.07 -23.80 -1.53
C GLY A 48 29.33 -23.78 -2.38
N GLU A 49 29.25 -24.27 -3.62
CA GLU A 49 30.37 -24.16 -4.54
C GLU A 49 30.77 -22.70 -4.67
N THR A 50 32.05 -22.42 -4.45
CA THR A 50 32.54 -21.04 -4.32
C THR A 50 33.60 -20.77 -5.39
N VAL A 51 33.40 -19.69 -6.13
CA VAL A 51 34.30 -19.29 -7.21
C VAL A 51 34.99 -17.98 -6.81
N ASP A 52 36.32 -17.98 -6.90
CA ASP A 52 37.21 -16.86 -6.60
C ASP A 52 37.64 -16.24 -7.93
N PHE A 53 37.21 -15.01 -8.17
CA PHE A 53 37.47 -14.33 -9.43
C PHE A 53 38.72 -13.44 -9.38
N GLY A 54 39.50 -13.55 -8.30
CA GLY A 54 40.85 -12.98 -8.25
C GLY A 54 40.92 -11.46 -8.31
N GLY A 55 39.83 -10.80 -7.95
CA GLY A 55 39.74 -9.34 -8.04
C GLY A 55 39.64 -8.77 -9.45
N LYS A 56 39.45 -9.64 -10.43
CA LYS A 56 39.44 -9.23 -11.84
C LYS A 56 38.12 -8.57 -12.18
N VAL A 57 38.18 -7.57 -13.04
CA VAL A 57 36.98 -6.89 -13.54
C VAL A 57 36.49 -7.66 -14.75
N LEU A 58 35.53 -8.55 -14.53
CA LEU A 58 35.11 -9.49 -15.55
C LEU A 58 33.72 -9.18 -16.12
N THR A 59 33.56 -9.44 -17.41
CA THR A 59 32.28 -9.31 -18.08
C THR A 59 31.80 -10.72 -18.33
N ILE A 60 30.86 -11.18 -17.51
CA ILE A 60 30.38 -12.55 -17.57
C ILE A 60 29.09 -12.61 -18.37
N GLU A 61 29.15 -13.28 -19.52
CA GLU A 61 28.04 -13.38 -20.44
C GLU A 61 27.47 -14.80 -20.39
N CYS A 62 26.23 -14.95 -19.94
CA CYS A 62 25.64 -16.28 -19.74
C CYS A 62 24.69 -16.65 -20.88
N LYS A 63 24.95 -17.80 -21.49
CA LYS A 63 24.11 -18.34 -22.57
C LYS A 63 23.77 -19.80 -22.29
N ALA A 64 23.73 -20.15 -21.01
CA ALA A 64 23.35 -21.47 -20.56
C ALA A 64 22.99 -21.40 -19.07
N LYS A 65 22.65 -22.53 -18.48
CA LYS A 65 22.09 -22.56 -17.14
C LYS A 65 23.10 -22.94 -16.09
N PHE A 66 22.93 -22.38 -14.89
CA PHE A 66 23.56 -22.90 -13.69
C PHE A 66 22.50 -23.74 -13.00
N ILE A 67 22.78 -25.03 -12.84
CA ILE A 67 21.80 -26.00 -12.34
C ILE A 67 22.22 -26.57 -10.99
N GLY A 68 21.37 -26.43 -9.99
CA GLY A 68 21.66 -26.92 -8.65
C GLY A 68 20.70 -26.38 -7.62
N ASP A 69 20.42 -27.19 -6.61
CA ASP A 69 19.78 -26.71 -5.41
C ASP A 69 20.87 -26.06 -4.55
N GLY A 70 20.53 -24.98 -3.85
CA GLY A 70 21.49 -24.32 -3.00
C GLY A 70 22.18 -23.16 -3.69
N ASN A 71 23.30 -22.72 -3.12
CA ASN A 71 23.94 -21.46 -3.53
C ASN A 71 25.21 -21.68 -4.33
N LEU A 72 25.29 -20.99 -5.45
CA LEU A 72 26.51 -20.86 -6.22
C LEU A 72 27.09 -19.51 -5.81
N ILE A 73 28.28 -19.54 -5.21
CA ILE A 73 28.82 -18.37 -4.51
C ILE A 73 29.96 -17.75 -5.31
N PHE A 74 29.75 -16.50 -5.74
CA PHE A 74 30.75 -15.73 -6.47
C PHE A 74 31.44 -14.76 -5.52
N THR A 75 32.77 -14.81 -5.52
CA THR A 75 33.58 -13.98 -4.65
C THR A 75 34.69 -13.28 -5.42
N LYS A 76 35.19 -12.20 -4.82
CA LYS A 76 36.37 -11.51 -5.30
C LYS A 76 36.26 -11.08 -6.77
N LEU A 77 35.08 -10.58 -7.13
CA LEU A 77 34.87 -9.90 -8.40
C LEU A 77 35.29 -8.43 -8.23
N GLY A 78 36.03 -7.93 -9.21
CA GLY A 78 36.47 -6.53 -9.22
C GLY A 78 35.34 -5.56 -9.47
N LYS A 79 35.48 -4.36 -8.93
CA LYS A 79 34.50 -3.29 -9.13
C LYS A 79 34.32 -3.05 -10.61
N GLY A 80 33.08 -3.02 -11.05
CA GLY A 80 32.74 -2.86 -12.46
C GLY A 80 32.41 -4.15 -13.17
N SER A 81 32.54 -5.27 -12.46
CA SER A 81 32.16 -6.56 -13.02
C SER A 81 30.66 -6.61 -13.28
N ARG A 82 30.29 -7.36 -14.32
CA ARG A 82 28.92 -7.46 -14.82
C ARG A 82 28.64 -8.91 -15.12
N ILE A 83 27.46 -9.38 -14.75
CA ILE A 83 27.03 -10.73 -15.04
C ILE A 83 25.68 -10.62 -15.76
N ALA A 84 25.63 -11.08 -17.01
CA ALA A 84 24.44 -10.86 -17.85
C ALA A 84 23.80 -12.17 -18.28
N GLY A 85 22.49 -12.24 -18.17
CA GLY A 85 21.72 -13.35 -18.74
C GLY A 85 21.73 -14.62 -17.91
N VAL A 86 22.21 -14.53 -16.67
CA VAL A 86 22.31 -15.70 -15.81
C VAL A 86 20.95 -16.38 -15.65
N PHE A 87 20.95 -17.72 -15.60
CA PHE A 87 19.71 -18.51 -15.49
C PHE A 87 19.99 -19.56 -14.45
N MET A 88 19.32 -19.45 -13.30
CA MET A 88 19.44 -20.43 -12.22
C MET A 88 18.28 -21.41 -12.29
N GLU A 89 18.55 -22.68 -12.06
CA GLU A 89 17.50 -23.68 -12.01
C GLU A 89 17.84 -24.75 -10.98
N SER A 90 16.84 -25.09 -10.16
CA SER A 90 16.99 -26.16 -9.18
C SER A 90 17.10 -27.55 -9.84
N THR A 91 17.67 -28.51 -9.12
CA THR A 91 17.59 -29.91 -9.54
C THR A 91 16.28 -30.53 -9.07
N THR A 92 15.77 -30.06 -7.94
CA THR A 92 14.54 -30.63 -7.37
C THR A 92 13.31 -29.97 -7.96
N THR A 93 12.29 -30.76 -8.26
CA THR A 93 10.97 -30.27 -8.62
C THR A 93 10.08 -30.43 -7.38
N PRO A 94 9.82 -29.33 -6.67
CA PRO A 94 9.09 -29.44 -5.42
C PRO A 94 7.58 -29.43 -5.60
N TRP A 95 6.88 -29.63 -4.49
CA TRP A 95 5.44 -29.48 -4.42
C TRP A 95 5.11 -28.02 -4.23
N VAL A 96 4.24 -27.52 -5.10
CA VAL A 96 3.81 -26.12 -5.02
C VAL A 96 2.30 -26.01 -4.91
N ILE A 97 1.85 -24.96 -4.22
CA ILE A 97 0.45 -24.59 -4.17
C ILE A 97 0.19 -23.42 -5.12
N LYS A 98 -1.06 -23.30 -5.56
CA LYS A 98 -1.48 -22.25 -6.49
C LYS A 98 -2.82 -21.71 -6.02
N PRO A 99 -2.79 -20.80 -5.02
CA PRO A 99 -4.02 -20.32 -4.37
C PRO A 99 -4.83 -19.28 -5.16
N TRP A 100 -4.99 -19.52 -6.46
CA TRP A 100 -5.89 -18.72 -7.27
C TRP A 100 -6.51 -19.58 -8.36
N THR A 101 -7.68 -19.16 -8.83
CA THR A 101 -8.46 -19.92 -9.78
C THR A 101 -8.15 -19.55 -11.23
N ASP A 102 -8.79 -20.27 -12.14
CA ASP A 102 -8.61 -20.05 -13.58
C ASP A 102 -9.25 -18.74 -14.05
N ASP A 103 -9.98 -18.07 -13.16
CA ASP A 103 -10.52 -16.74 -13.36
C ASP A 103 -9.77 -15.70 -12.52
N ASN A 104 -8.63 -16.10 -11.97
CA ASN A 104 -7.79 -15.26 -11.12
C ASN A 104 -8.46 -14.74 -9.85
N GLN A 105 -9.39 -15.53 -9.31
CA GLN A 105 -9.91 -15.28 -7.97
C GLN A 105 -9.00 -15.94 -6.93
N TRP A 106 -8.66 -15.23 -5.88
CA TRP A 106 -7.90 -15.82 -4.80
C TRP A 106 -8.70 -16.93 -4.13
N LEU A 107 -8.02 -18.03 -3.85
CA LEU A 107 -8.55 -19.08 -2.99
C LEU A 107 -8.16 -18.73 -1.55
N THR A 108 -9.11 -18.77 -0.63
CA THR A 108 -8.83 -18.53 0.80
C THR A 108 -9.05 -19.76 1.67
N ASP A 109 -9.87 -20.69 1.19
CA ASP A 109 -10.15 -21.91 1.92
C ASP A 109 -8.97 -22.87 1.88
N ALA A 110 -8.50 -23.31 3.05
CA ALA A 110 -7.32 -24.18 3.12
C ALA A 110 -7.47 -25.48 2.29
N ALA A 111 -8.61 -26.12 2.40
CA ALA A 111 -8.84 -27.37 1.66
C ALA A 111 -8.77 -27.15 0.15
N ALA A 112 -9.27 -26.01 -0.32
CA ALA A 112 -9.18 -25.68 -1.75
C ALA A 112 -7.73 -25.46 -2.17
N VAL A 113 -6.96 -24.79 -1.32
CA VAL A 113 -5.55 -24.55 -1.62
C VAL A 113 -4.78 -25.88 -1.67
N VAL A 114 -5.05 -26.78 -0.74
CA VAL A 114 -4.40 -28.08 -0.73
C VAL A 114 -4.67 -28.86 -2.02
N ALA A 115 -5.90 -28.77 -2.51
CA ALA A 115 -6.31 -29.44 -3.74
C ALA A 115 -5.52 -28.99 -4.97
N THR A 116 -4.86 -27.84 -4.90
CA THR A 116 -4.07 -27.33 -6.04
C THR A 116 -2.67 -27.93 -6.14
N LEU A 117 -2.26 -28.71 -5.15
CA LEU A 117 -0.89 -29.23 -5.11
C LEU A 117 -0.47 -29.93 -6.39
N LYS A 118 0.70 -29.57 -6.88
CA LYS A 118 1.34 -30.26 -8.00
C LYS A 118 2.84 -30.17 -7.83
N GLN A 119 3.58 -31.05 -8.51
CA GLN A 119 5.02 -30.92 -8.58
C GLN A 119 5.38 -30.10 -9.81
N SER A 120 5.98 -28.94 -9.56
CA SER A 120 6.41 -28.05 -10.60
C SER A 120 7.49 -27.12 -10.06
N LYS A 121 8.35 -26.64 -10.96
CA LYS A 121 9.29 -25.59 -10.62
C LYS A 121 8.69 -24.18 -10.78
N THR A 122 7.42 -24.06 -11.13
CA THR A 122 6.81 -22.75 -11.36
C THR A 122 5.29 -22.81 -11.20
N ASP A 123 4.59 -21.73 -11.56
CA ASP A 123 3.11 -21.66 -11.50
C ASP A 123 2.57 -21.98 -10.11
N GLY A 124 3.25 -21.42 -9.11
CA GLY A 124 2.89 -21.67 -7.72
C GLY A 124 4.11 -21.55 -6.88
N TYR A 125 3.98 -21.87 -5.60
CA TYR A 125 5.11 -21.77 -4.69
C TYR A 125 5.07 -22.84 -3.60
N GLN A 126 6.25 -23.08 -3.02
CA GLN A 126 6.37 -24.01 -1.90
C GLN A 126 5.79 -23.41 -0.63
N PRO A 127 4.87 -24.13 0.04
CA PRO A 127 4.37 -23.59 1.30
C PRO A 127 5.47 -23.31 2.32
N THR A 128 5.25 -22.28 3.12
CA THR A 128 6.11 -21.98 4.25
C THR A 128 5.20 -21.76 5.47
N VAL A 129 5.81 -21.51 6.62
CA VAL A 129 5.04 -21.35 7.83
C VAL A 129 4.06 -20.16 7.77
N SER A 130 4.37 -19.12 7.00
CA SER A 130 3.42 -18.00 6.85
C SER A 130 2.12 -18.44 6.18
N ASP A 131 2.17 -19.47 5.36
CA ASP A 131 0.93 -20.00 4.78
C ASP A 131 -0.01 -20.57 5.83
N TYR A 132 0.53 -21.01 6.96
CA TYR A 132 -0.30 -21.56 8.02
C TYR A 132 -1.19 -20.47 8.62
N VAL A 133 -0.67 -19.24 8.62
CA VAL A 133 -1.46 -18.08 9.06
C VAL A 133 -2.38 -17.56 7.96
N LYS A 134 -1.87 -17.52 6.73
CA LYS A 134 -2.63 -16.96 5.61
C LYS A 134 -3.87 -17.80 5.27
N PHE A 135 -3.74 -19.12 5.40
CA PHE A 135 -4.82 -20.04 5.04
C PHE A 135 -5.12 -20.90 6.27
N PRO A 136 -5.90 -20.37 7.20
CA PRO A 136 -6.08 -21.05 8.49
C PRO A 136 -6.57 -22.48 8.34
N GLY A 137 -5.87 -23.39 9.02
CA GLY A 137 -6.20 -24.80 8.97
C GLY A 137 -5.35 -25.57 7.98
N ILE A 138 -4.61 -24.87 7.13
CA ILE A 138 -3.84 -25.54 6.08
C ILE A 138 -2.68 -26.39 6.66
N GLU A 139 -2.18 -26.02 7.83
CA GLU A 139 -1.07 -26.76 8.42
C GLU A 139 -1.48 -28.20 8.65
N THR A 140 -2.69 -28.39 9.16
CA THR A 140 -3.21 -29.75 9.42
C THR A 140 -3.51 -30.51 8.13
N LEU A 141 -3.95 -29.80 7.09
CA LEU A 141 -4.43 -30.43 5.87
C LEU A 141 -3.33 -30.73 4.84
N LEU A 142 -2.22 -29.99 4.87
CA LEU A 142 -1.14 -30.23 3.90
C LEU A 142 -0.51 -31.59 4.15
N PRO A 143 -0.26 -32.34 3.08
CA PRO A 143 0.51 -33.58 3.27
C PRO A 143 1.91 -33.25 3.73
N PRO A 144 2.53 -34.13 4.54
CA PRO A 144 3.91 -33.88 4.99
C PRO A 144 4.91 -33.56 3.88
N ASN A 145 4.78 -34.17 2.70
CA ASN A 145 5.76 -33.92 1.63
C ASN A 145 5.67 -32.51 1.04
N ALA A 146 4.63 -31.76 1.39
CA ALA A 146 4.47 -30.39 0.92
C ALA A 146 4.81 -29.35 1.99
N LYS A 147 5.24 -29.82 3.17
CA LYS A 147 5.60 -28.93 4.26
C LYS A 147 7.10 -28.92 4.44
N GLY A 148 7.64 -27.75 4.78
CA GLY A 148 9.06 -27.65 5.12
C GLY A 148 10.04 -27.82 3.97
N GLN A 149 9.58 -27.66 2.73
CA GLN A 149 10.48 -27.77 1.60
C GLN A 149 11.38 -26.53 1.54
N ASN A 150 12.52 -26.67 0.90
CA ASN A 150 13.55 -25.64 0.94
C ASN A 150 14.32 -25.57 -0.36
N ILE A 151 13.60 -25.54 -1.47
CA ILE A 151 14.25 -25.54 -2.79
C ILE A 151 14.42 -24.13 -3.37
N THR A 152 15.68 -23.75 -3.54
CA THR A 152 16.03 -22.54 -4.29
C THR A 152 17.39 -22.80 -4.91
N SER A 153 17.55 -22.29 -6.13
CA SER A 153 18.81 -22.26 -6.81
C SER A 153 19.26 -20.82 -6.78
N THR A 154 20.25 -20.51 -5.95
CA THR A 154 20.61 -19.12 -5.67
C THR A 154 21.98 -18.74 -6.19
N LEU A 155 22.04 -17.63 -6.93
CA LEU A 155 23.32 -16.99 -7.22
C LEU A 155 23.64 -16.03 -6.08
N GLU A 156 24.71 -16.31 -5.35
CA GLU A 156 25.12 -15.49 -4.23
C GLU A 156 26.36 -14.71 -4.62
N ILE A 157 26.24 -13.38 -4.64
CA ILE A 157 27.39 -12.50 -4.77
C ILE A 157 27.80 -12.14 -3.37
N ARG A 158 29.01 -12.54 -2.97
CA ARG A 158 29.43 -12.39 -1.58
C ARG A 158 30.54 -11.37 -1.44
N GLU A 159 30.28 -10.35 -0.62
CA GLU A 159 31.29 -9.37 -0.20
C GLU A 159 32.00 -8.72 -1.39
N CYS A 160 31.20 -8.31 -2.38
CA CYS A 160 31.70 -7.62 -3.56
C CYS A 160 31.22 -6.18 -3.60
N ILE A 161 31.98 -5.33 -4.28
CA ILE A 161 31.61 -3.93 -4.47
C ILE A 161 31.51 -3.67 -5.96
N GLY A 162 30.46 -3.01 -6.39
CA GLY A 162 30.35 -2.58 -7.79
C GLY A 162 30.11 -3.68 -8.80
N VAL A 163 29.27 -4.66 -8.43
CA VAL A 163 28.90 -5.76 -9.30
C VAL A 163 27.43 -5.62 -9.68
N GLU A 164 27.17 -5.79 -10.98
CA GLU A 164 25.81 -5.73 -11.47
C GLU A 164 25.42 -7.03 -12.15
N VAL A 165 24.22 -7.50 -11.79
CA VAL A 165 23.63 -8.67 -12.40
C VAL A 165 22.50 -8.15 -13.28
N HIS A 166 22.60 -8.41 -14.59
CA HIS A 166 21.67 -7.89 -15.59
C HIS A 166 20.89 -9.02 -16.28
N ARG A 167 19.59 -8.80 -16.45
CA ARG A 167 18.76 -9.71 -17.26
C ARG A 167 18.78 -11.15 -16.74
N ALA A 168 18.80 -11.30 -15.42
CA ALA A 168 18.81 -12.63 -14.80
C ALA A 168 17.45 -13.28 -14.93
N SER A 169 17.43 -14.61 -15.01
CA SER A 169 16.16 -15.34 -14.98
C SER A 169 16.36 -16.69 -14.32
N GLY A 170 15.36 -17.54 -14.40
CA GLY A 170 15.50 -18.89 -13.85
C GLY A 170 14.20 -19.50 -13.40
N LEU A 171 14.34 -20.67 -12.82
CA LEU A 171 13.22 -21.48 -12.30
C LEU A 171 13.59 -21.93 -10.89
N MET A 172 12.71 -21.65 -9.92
CA MET A 172 13.04 -21.83 -8.50
C MET A 172 14.32 -21.06 -8.15
N ALA A 173 14.40 -19.85 -8.70
CA ALA A 173 15.63 -19.08 -8.73
C ALA A 173 15.67 -17.98 -7.67
N GLY A 174 16.86 -17.75 -7.14
CA GLY A 174 17.11 -16.64 -6.23
C GLY A 174 18.43 -15.96 -6.49
N PHE A 175 18.52 -14.72 -6.02
CA PHE A 175 19.67 -13.84 -6.22
C PHE A 175 19.96 -13.16 -4.90
N LEU A 176 21.13 -13.44 -4.35
CA LEU A 176 21.49 -12.95 -3.04
C LEU A 176 22.79 -12.16 -3.12
N PHE A 177 22.73 -10.93 -2.66
CA PHE A 177 23.89 -10.08 -2.50
C PHE A 177 24.13 -9.98 -1.01
N ARG A 178 25.19 -10.66 -0.53
CA ARG A 178 25.47 -10.78 0.91
C ARG A 178 26.70 -9.96 1.25
N GLY A 179 26.54 -8.94 2.07
CA GLY A 179 27.66 -8.09 2.47
C GLY A 179 28.24 -7.28 1.32
N CYS A 180 27.40 -6.94 0.36
CA CYS A 180 27.82 -6.20 -0.83
C CYS A 180 27.49 -4.71 -0.70
N HIS A 181 28.17 -3.92 -1.52
CA HIS A 181 27.88 -2.50 -1.64
C HIS A 181 27.98 -2.07 -3.07
N PHE A 182 27.17 -1.09 -3.45
CA PHE A 182 27.21 -0.52 -4.79
C PHE A 182 26.97 -1.59 -5.85
N CYS A 183 26.07 -2.52 -5.52
CA CYS A 183 25.68 -3.59 -6.43
C CYS A 183 24.24 -3.39 -6.90
N LYS A 184 23.94 -3.91 -8.09
CA LYS A 184 22.61 -3.72 -8.66
C LYS A 184 22.09 -4.98 -9.33
N MET A 185 20.78 -5.18 -9.22
CA MET A 185 20.05 -6.20 -9.92
C MET A 185 19.23 -5.44 -10.96
N VAL A 186 19.65 -5.55 -12.21
CA VAL A 186 19.14 -4.68 -13.27
C VAL A 186 18.36 -5.46 -14.31
N ASP A 187 17.18 -4.97 -14.65
CA ASP A 187 16.33 -5.59 -15.68
C ASP A 187 16.17 -7.10 -15.50
N ALA A 188 15.86 -7.52 -14.27
CA ALA A 188 15.54 -8.92 -14.00
C ALA A 188 14.54 -9.41 -15.04
N ASN A 189 14.89 -10.50 -15.72
CA ASN A 189 14.06 -11.03 -16.79
C ASN A 189 13.08 -12.08 -16.31
N ASN A 190 12.21 -11.66 -15.39
CA ASN A 190 11.14 -12.48 -14.86
C ASN A 190 11.56 -13.86 -14.36
N PRO A 191 12.58 -13.90 -13.47
CA PRO A 191 12.87 -15.17 -12.84
C PRO A 191 11.65 -15.66 -12.08
N SER A 192 11.43 -16.97 -12.11
CA SER A 192 10.40 -17.62 -11.32
C SER A 192 11.05 -18.07 -10.01
N GLY A 193 10.50 -17.62 -8.89
CA GLY A 193 11.16 -17.77 -7.60
C GLY A 193 11.06 -19.13 -6.94
N GLY A 194 11.92 -19.35 -5.98
CA GLY A 194 11.89 -20.54 -5.15
C GLY A 194 11.48 -20.23 -3.72
N LYS A 195 12.09 -20.95 -2.78
CA LYS A 195 11.73 -20.85 -1.36
C LYS A 195 12.17 -19.52 -0.72
N ASP A 196 13.37 -19.07 -1.07
CA ASP A 196 13.92 -17.83 -0.52
C ASP A 196 13.49 -16.62 -1.36
N GLY A 197 13.75 -15.42 -0.83
CA GLY A 197 13.48 -14.19 -1.55
C GLY A 197 14.10 -14.24 -2.93
N ILE A 198 13.45 -13.62 -3.92
CA ILE A 198 13.99 -13.67 -5.27
C ILE A 198 15.23 -12.76 -5.40
N ILE A 199 15.13 -11.54 -4.86
CA ILE A 199 16.25 -10.61 -4.89
C ILE A 199 16.48 -10.09 -3.49
N THR A 200 17.66 -10.32 -2.94
CA THR A 200 17.96 -9.98 -1.55
C THR A 200 19.28 -9.22 -1.46
N PHE A 201 19.25 -8.05 -0.82
CA PHE A 201 20.45 -7.37 -0.37
C PHE A 201 20.49 -7.50 1.13
N GLU A 202 21.38 -8.35 1.62
CA GLU A 202 21.49 -8.65 3.03
C GLU A 202 22.85 -8.18 3.53
N ASN A 203 22.85 -7.28 4.50
CA ASN A 203 24.09 -6.71 5.04
C ASN A 203 24.13 -6.79 6.56
N LEU A 204 23.84 -7.96 7.11
CA LEU A 204 23.79 -8.16 8.57
C LEU A 204 25.16 -8.07 9.20
N SER A 205 26.20 -8.37 8.42
CA SER A 205 27.59 -8.30 8.87
C SER A 205 28.31 -7.23 8.10
N GLY A 206 29.35 -6.66 8.69
CA GLY A 206 30.13 -5.63 8.03
C GLY A 206 29.44 -4.28 8.09
N ASP A 207 29.76 -3.42 7.12
CA ASP A 207 29.20 -2.09 7.06
C ASP A 207 27.75 -2.15 6.59
N TRP A 208 26.94 -1.18 6.99
CA TRP A 208 25.59 -1.05 6.47
C TRP A 208 25.65 -1.06 4.94
N GLY A 209 24.73 -1.80 4.32
CA GLY A 209 24.63 -1.81 2.87
C GLY A 209 24.35 -0.41 2.33
N LYS A 210 24.97 -0.08 1.22
CA LYS A 210 24.75 1.20 0.54
C LYS A 210 25.03 1.01 -0.93
N GLY A 211 24.29 1.75 -1.76
CA GLY A 211 24.48 1.71 -3.19
C GLY A 211 23.84 0.50 -3.86
N ASN A 212 23.00 -0.22 -3.10
CA ASN A 212 22.38 -1.45 -3.59
C ASN A 212 20.97 -1.20 -4.11
N TYR A 213 20.76 -1.52 -5.39
CA TYR A 213 19.49 -1.25 -6.04
C TYR A 213 18.92 -2.45 -6.80
N VAL A 214 17.59 -2.48 -6.86
CA VAL A 214 16.86 -3.19 -7.90
C VAL A 214 16.39 -2.12 -8.88
N ILE A 215 16.82 -2.22 -10.14
CA ILE A 215 16.45 -1.25 -11.18
C ILE A 215 15.80 -1.97 -12.34
N GLY A 216 14.54 -1.65 -12.62
CA GLY A 216 13.85 -2.25 -13.75
C GLY A 216 13.51 -3.72 -13.52
N GLY A 217 12.99 -4.34 -14.58
CA GLY A 217 12.74 -5.78 -14.58
C GLY A 217 11.54 -6.18 -13.75
N ARG A 218 11.42 -7.50 -13.57
CA ARG A 218 10.28 -8.08 -12.90
C ARG A 218 10.62 -9.45 -12.40
N THR A 219 9.83 -9.93 -11.44
CA THR A 219 9.89 -11.31 -10.98
C THR A 219 8.49 -11.88 -10.85
N SER A 220 8.42 -13.23 -10.78
CA SER A 220 7.17 -13.94 -10.58
C SER A 220 7.32 -15.04 -9.56
N TYR A 221 6.25 -15.26 -8.80
CA TYR A 221 6.14 -16.37 -7.85
C TYR A 221 7.17 -16.22 -6.73
N GLY A 222 7.70 -17.33 -6.23
CA GLY A 222 8.50 -17.35 -5.02
C GLY A 222 7.64 -17.55 -3.78
N SER A 223 8.19 -18.24 -2.78
CA SER A 223 7.46 -18.48 -1.53
C SER A 223 7.38 -17.27 -0.60
N VAL A 224 8.32 -16.35 -0.73
CA VAL A 224 8.40 -15.22 0.18
C VAL A 224 8.46 -13.93 -0.64
N SER A 225 9.22 -12.92 -0.22
CA SER A 225 9.15 -11.62 -0.91
C SER A 225 10.02 -11.53 -2.16
N SER A 226 9.59 -10.71 -3.12
CA SER A 226 10.28 -10.62 -4.41
C SER A 226 11.61 -9.87 -4.31
N ALA A 227 11.57 -8.70 -3.68
CA ALA A 227 12.76 -7.90 -3.47
C ALA A 227 12.81 -7.49 -2.01
N GLN A 228 13.96 -7.65 -1.36
CA GLN A 228 14.03 -7.36 0.06
C GLN A 228 15.40 -6.86 0.46
N PHE A 229 15.40 -6.08 1.54
CA PHE A 229 16.61 -5.46 2.07
C PHE A 229 16.75 -5.72 3.56
N LEU A 230 17.98 -6.00 3.99
CA LEU A 230 18.32 -6.09 5.40
C LEU A 230 19.55 -5.24 5.72
N ARG A 231 19.43 -4.33 6.68
CA ARG A 231 20.53 -3.50 7.16
C ARG A 231 21.24 -2.72 6.03
N ASN A 232 20.42 -2.04 5.23
CA ASN A 232 20.89 -1.09 4.23
C ASN A 232 20.54 0.33 4.64
N ASN A 233 21.48 1.24 4.40
CA ASN A 233 21.26 2.66 4.64
C ASN A 233 21.82 3.43 3.45
N GLY A 234 20.91 4.03 2.67
CA GLY A 234 21.31 4.73 1.48
C GLY A 234 21.99 6.07 1.72
N GLY A 235 22.09 6.50 2.98
CA GLY A 235 22.66 7.82 3.29
C GLY A 235 21.72 8.95 2.87
N PHE A 236 22.10 10.20 3.15
CA PHE A 236 21.24 11.32 2.74
C PHE A 236 21.08 11.35 1.22
N GLU A 237 22.08 10.81 0.52
CA GLU A 237 22.08 10.70 -0.94
C GLU A 237 21.04 9.73 -1.48
N ARG A 238 20.38 9.00 -0.58
CA ARG A 238 19.36 8.01 -0.96
C ARG A 238 19.88 7.04 -2.02
N ASP A 239 21.07 6.52 -1.77
CA ASP A 239 21.79 5.69 -2.73
C ASP A 239 21.44 4.22 -2.52
N GLY A 240 20.24 3.84 -2.94
CA GLY A 240 19.79 2.45 -2.90
C GLY A 240 18.29 2.37 -2.96
N GLY A 241 17.77 1.15 -3.14
CA GLY A 241 16.34 0.91 -3.12
C GLY A 241 15.86 0.22 -4.40
N VAL A 242 14.61 0.53 -4.74
CA VAL A 242 13.91 -0.15 -5.82
C VAL A 242 13.26 0.91 -6.71
N ILE A 243 13.61 0.89 -8.01
CA ILE A 243 13.11 1.85 -8.97
C ILE A 243 12.74 1.12 -10.26
N GLY A 244 11.50 1.31 -10.73
CA GLY A 244 11.10 0.78 -12.03
C GLY A 244 10.85 -0.71 -12.06
N PHE A 245 10.53 -1.28 -10.90
CA PHE A 245 10.43 -2.74 -10.70
C PHE A 245 8.99 -3.22 -10.71
N THR A 246 8.78 -4.43 -11.21
CA THR A 246 7.47 -5.11 -11.12
C THR A 246 7.58 -6.47 -10.41
N SER A 247 6.74 -6.68 -9.40
CA SER A 247 6.64 -7.97 -8.72
C SER A 247 5.27 -8.57 -8.96
N TYR A 248 5.24 -9.83 -9.41
CA TYR A 248 4.00 -10.59 -9.56
C TYR A 248 3.96 -11.84 -8.66
N ARG A 249 2.85 -11.96 -7.94
CA ARG A 249 2.52 -13.18 -7.17
C ARG A 249 3.64 -13.61 -6.23
N ALA A 250 4.18 -12.64 -5.49
CA ALA A 250 5.04 -12.98 -4.36
C ALA A 250 4.27 -13.86 -3.38
N GLY A 251 4.93 -14.91 -2.88
CA GLY A 251 4.34 -15.74 -1.82
C GLY A 251 4.19 -14.99 -0.51
N GLU A 252 5.03 -13.96 -0.32
CA GLU A 252 4.82 -12.99 0.73
C GLU A 252 4.62 -11.61 0.11
N SER A 253 5.63 -10.73 0.13
CA SER A 253 5.40 -9.35 -0.31
C SER A 253 6.22 -8.95 -1.55
N GLY A 254 5.77 -7.92 -2.26
CA GLY A 254 6.46 -7.51 -3.48
C GLY A 254 7.83 -6.91 -3.17
N VAL A 255 7.82 -5.91 -2.30
CA VAL A 255 9.01 -5.22 -1.87
C VAL A 255 8.98 -5.12 -0.35
N LYS A 256 10.04 -5.58 0.30
CA LYS A 256 10.08 -5.65 1.77
C LYS A 256 11.37 -5.08 2.34
N THR A 257 11.24 -4.12 3.25
CA THR A 257 12.34 -3.74 4.13
C THR A 257 12.09 -4.49 5.42
N TRP A 258 13.03 -5.34 5.81
CA TRP A 258 12.84 -6.17 6.99
C TRP A 258 12.67 -5.39 8.27
N GLN A 259 11.98 -6.00 9.22
CA GLN A 259 11.75 -5.41 10.51
C GLN A 259 12.42 -6.21 11.62
N GLY A 260 12.78 -5.50 12.68
CA GLY A 260 13.19 -6.15 13.90
C GLY A 260 14.60 -6.71 13.87
N THR A 261 14.86 -7.63 14.79
CA THR A 261 16.17 -8.24 14.95
C THR A 261 16.26 -9.52 14.14
N VAL A 262 17.33 -9.67 13.38
CA VAL A 262 17.63 -10.93 12.68
C VAL A 262 19.01 -11.36 13.13
N GLY A 263 19.07 -12.55 13.72
CA GLY A 263 20.27 -13.02 14.37
C GLY A 263 20.48 -12.21 15.63
N SER A 264 21.58 -11.46 15.66
CA SER A 264 21.98 -10.71 16.83
C SER A 264 21.90 -9.20 16.60
N THR A 265 21.39 -8.79 15.44
CA THR A 265 21.46 -7.37 15.09
C THR A 265 20.23 -6.91 14.29
N THR A 266 20.21 -5.63 13.95
CA THR A 266 19.09 -5.03 13.26
C THR A 266 19.04 -5.44 11.77
N SER A 267 17.84 -5.69 11.28
CA SER A 267 17.60 -5.98 9.87
C SER A 267 17.00 -4.79 9.14
N ARG A 268 16.90 -3.66 9.85
CA ARG A 268 16.16 -2.49 9.38
C ARG A 268 16.91 -1.74 8.30
N ASN A 269 16.24 -0.75 7.72
CA ASN A 269 16.75 -0.03 6.56
C ASN A 269 16.34 1.43 6.61
N TYR A 270 17.24 2.27 6.11
CA TYR A 270 17.09 3.72 6.13
C TYR A 270 17.40 4.30 4.77
N ASN A 271 16.78 5.43 4.42
CA ASN A 271 17.27 6.27 3.34
C ASN A 271 17.32 5.57 1.99
N LEU A 272 16.33 4.73 1.71
CA LEU A 272 16.24 4.04 0.43
C LEU A 272 15.12 4.66 -0.40
N GLN A 273 15.22 4.46 -1.71
CA GLN A 273 14.19 4.87 -2.64
C GLN A 273 13.26 3.71 -2.95
N PHE A 274 11.96 4.01 -2.98
CA PHE A 274 10.94 3.09 -3.47
C PHE A 274 10.05 3.88 -4.41
N ARG A 275 10.33 3.74 -5.70
CA ARG A 275 9.73 4.63 -6.68
C ARG A 275 9.42 3.93 -7.99
N ASP A 276 8.38 4.42 -8.65
CA ASP A 276 8.07 4.07 -10.03
C ASP A 276 7.98 2.56 -10.21
N SER A 277 7.33 1.90 -9.24
CA SER A 277 7.28 0.44 -9.22
C SER A 277 5.84 -0.04 -9.06
N VAL A 278 5.67 -1.33 -9.31
CA VAL A 278 4.35 -1.97 -9.36
C VAL A 278 4.44 -3.31 -8.66
N VAL A 279 3.48 -3.60 -7.79
CA VAL A 279 3.34 -4.94 -7.21
C VAL A 279 1.93 -5.44 -7.47
N ILE A 280 1.83 -6.61 -8.10
CA ILE A 280 0.53 -7.19 -8.43
C ILE A 280 0.40 -8.60 -7.86
N TYR A 281 -0.77 -8.84 -7.29
CA TYR A 281 -1.18 -10.16 -6.74
C TYR A 281 -0.22 -10.79 -5.72
N PRO A 282 0.31 -9.98 -4.77
CA PRO A 282 1.06 -10.64 -3.70
C PRO A 282 0.11 -11.37 -2.75
N VAL A 283 0.58 -12.51 -2.23
CA VAL A 283 -0.19 -13.27 -1.24
C VAL A 283 -0.28 -12.52 0.08
N TRP A 284 0.80 -11.85 0.45
CA TRP A 284 0.76 -10.91 1.57
C TRP A 284 0.67 -9.48 1.02
N ASP A 285 1.74 -8.69 1.09
CA ASP A 285 1.61 -7.23 0.90
C ASP A 285 2.28 -6.73 -0.37
N GLY A 286 1.87 -5.54 -0.82
CA GLY A 286 2.47 -4.95 -1.99
C GLY A 286 3.85 -4.42 -1.64
N PHE A 287 3.88 -3.32 -0.90
CA PHE A 287 5.10 -2.74 -0.34
C PHE A 287 5.01 -2.81 1.18
N ASP A 288 6.01 -3.44 1.78
CA ASP A 288 6.10 -3.56 3.24
C ASP A 288 7.34 -2.78 3.67
N LEU A 289 7.13 -1.51 4.00
CA LEU A 289 8.22 -0.57 4.21
C LEU A 289 8.43 -0.15 5.66
N GLY A 290 7.86 -0.91 6.58
CA GLY A 290 8.08 -0.69 8.02
C GLY A 290 9.42 -1.23 8.47
N ALA A 291 9.86 -0.79 9.65
CA ALA A 291 11.11 -1.22 10.26
C ALA A 291 10.95 -1.89 11.64
N ASP A 292 9.85 -1.62 12.33
CA ASP A 292 9.64 -2.21 13.65
C ASP A 292 8.54 -3.26 13.58
N THR A 293 8.66 -4.25 14.46
CA THR A 293 7.79 -5.40 14.44
C THR A 293 6.46 -4.96 15.03
N ASP A 294 5.38 -5.31 14.35
CA ASP A 294 4.03 -4.93 14.77
C ASP A 294 3.53 -5.85 15.89
N MET A 295 3.29 -7.12 15.57
CA MET A 295 2.82 -8.10 16.55
C MET A 295 3.98 -8.65 17.39
N ASN A 296 3.81 -8.61 18.72
CA ASN A 296 4.80 -9.14 19.66
C ASN A 296 6.21 -8.61 19.37
N PRO A 297 6.37 -7.27 19.45
CA PRO A 297 7.65 -6.65 19.12
C PRO A 297 8.76 -6.90 20.12
N GLU A 298 10.00 -6.84 19.63
CA GLU A 298 11.17 -6.82 20.48
C GLU A 298 11.11 -5.62 21.41
N LEU A 299 11.68 -5.74 22.60
CA LEU A 299 11.73 -4.65 23.58
CA LEU A 299 11.72 -4.65 23.57
C LEU A 299 12.96 -3.77 23.36
N ASP A 300 13.83 -4.18 22.44
CA ASP A 300 15.05 -3.44 22.14
C ASP A 300 15.36 -3.48 20.65
N ARG A 301 16.43 -2.77 20.26
CA ARG A 301 16.92 -2.79 18.87
C ARG A 301 18.46 -2.92 18.86
N PRO A 302 18.98 -4.12 19.13
CA PRO A 302 20.44 -4.25 19.05
C PRO A 302 20.94 -3.82 17.68
N GLY A 303 22.01 -3.03 17.65
CA GLY A 303 22.60 -2.56 16.41
C GLY A 303 21.90 -1.36 15.77
N ASP A 304 20.86 -0.85 16.43
CA ASP A 304 20.06 0.26 15.90
C ASP A 304 19.77 1.25 17.01
N TYR A 305 18.95 2.26 16.72
CA TYR A 305 18.58 3.24 17.73
C TYR A 305 17.80 2.57 18.84
N PRO A 306 18.10 2.92 20.10
CA PRO A 306 17.34 2.32 21.19
C PRO A 306 15.90 2.85 21.27
N ILE A 307 15.03 2.07 21.90
CA ILE A 307 13.65 2.46 22.14
C ILE A 307 13.54 3.78 22.93
N THR A 308 14.51 4.05 23.80
CA THR A 308 14.55 5.30 24.56
C THR A 308 14.72 6.52 23.68
N GLN A 309 15.40 6.35 22.54
CA GLN A 309 15.61 7.45 21.61
C GLN A 309 14.41 7.61 20.67
N TYR A 310 13.95 6.50 20.09
CA TYR A 310 12.81 6.48 19.17
C TYR A 310 11.87 5.34 19.57
N PRO A 311 10.65 5.68 20.02
CA PRO A 311 9.69 4.63 20.34
C PRO A 311 9.38 3.72 19.16
N LEU A 312 8.80 2.56 19.46
CA LEU A 312 8.39 1.62 18.42
C LEU A 312 7.58 2.34 17.34
N HIS A 313 7.93 2.06 16.07
CA HIS A 313 7.27 2.63 14.88
C HIS A 313 7.56 4.11 14.65
N GLN A 314 8.55 4.67 15.35
CA GLN A 314 8.89 6.08 15.21
C GLN A 314 10.33 6.35 14.76
N LEU A 315 10.94 5.37 14.07
CA LEU A 315 12.28 5.56 13.56
C LEU A 315 12.29 6.57 12.42
N PRO A 316 13.40 7.34 12.29
CA PRO A 316 13.54 8.31 11.22
C PRO A 316 14.01 7.64 9.93
N LEU A 317 13.14 6.79 9.36
CA LEU A 317 13.56 5.91 8.26
C LEU A 317 13.92 6.70 7.00
N ASN A 318 13.16 7.76 6.75
CA ASN A 318 13.50 8.76 5.76
C ASN A 318 13.60 8.25 4.31
N HIS A 319 12.88 7.19 4.01
CA HIS A 319 12.80 6.70 2.64
C HIS A 319 12.18 7.71 1.71
N LEU A 320 12.51 7.59 0.43
CA LEU A 320 11.91 8.41 -0.61
C LEU A 320 10.91 7.51 -1.34
N ILE A 321 9.63 7.79 -1.14
CA ILE A 321 8.56 6.87 -1.54
C ILE A 321 7.59 7.63 -2.46
N ASP A 322 7.52 7.23 -3.74
CA ASP A 322 6.76 8.00 -4.73
C ASP A 322 6.37 7.16 -5.92
N ASN A 323 5.16 7.37 -6.43
CA ASN A 323 4.71 6.79 -7.70
C ASN A 323 4.71 5.27 -7.67
N LEU A 324 3.94 4.72 -6.74
CA LEU A 324 3.83 3.27 -6.57
C LEU A 324 2.41 2.83 -6.84
N LEU A 325 2.31 1.66 -7.45
CA LEU A 325 1.03 1.06 -7.82
C LEU A 325 0.95 -0.36 -7.27
N VAL A 326 -0.17 -0.69 -6.65
CA VAL A 326 -0.41 -2.05 -6.20
C VAL A 326 -1.81 -2.48 -6.64
N ARG A 327 -1.94 -3.67 -7.18
CA ARG A 327 -3.25 -4.28 -7.47
C ARG A 327 -3.27 -5.73 -7.02
N GLY A 328 -4.38 -6.14 -6.40
CA GLY A 328 -4.65 -7.56 -6.20
C GLY A 328 -4.02 -8.25 -5.03
N ALA A 329 -3.56 -7.50 -4.02
CA ALA A 329 -2.98 -8.12 -2.84
C ALA A 329 -4.05 -8.95 -2.12
N LEU A 330 -3.65 -10.12 -1.63
CA LEU A 330 -4.47 -10.87 -0.69
C LEU A 330 -4.31 -10.34 0.73
N GLY A 331 -3.19 -9.65 0.98
CA GLY A 331 -2.95 -8.94 2.22
C GLY A 331 -3.13 -7.44 2.01
N VAL A 332 -2.17 -6.67 2.54
CA VAL A 332 -2.21 -5.21 2.58
C VAL A 332 -1.47 -4.60 1.40
N GLY A 333 -2.05 -3.61 0.76
CA GLY A 333 -1.39 -3.02 -0.40
C GLY A 333 -0.08 -2.33 -0.08
N PHE A 334 -0.14 -1.44 0.90
CA PHE A 334 0.95 -0.50 1.19
C PHE A 334 1.08 -0.34 2.71
N GLY A 335 2.24 -0.72 3.23
CA GLY A 335 2.49 -0.66 4.65
C GLY A 335 3.74 0.15 4.97
N MET A 336 3.66 0.96 6.02
CA MET A 336 4.77 1.78 6.49
C MET A 336 4.75 1.90 7.99
N ASP A 337 5.90 2.26 8.55
CA ASP A 337 5.94 2.87 9.88
C ASP A 337 7.00 3.95 9.85
N GLY A 338 7.19 4.60 10.99
CA GLY A 338 8.21 5.65 11.09
C GLY A 338 7.61 6.97 11.53
N LYS A 339 8.47 7.90 11.90
CA LYS A 339 8.06 9.25 12.27
C LYS A 339 8.75 10.25 11.36
N GLY A 340 8.00 11.24 10.91
CA GLY A 340 8.56 12.29 10.03
C GLY A 340 8.64 11.82 8.57
N MET A 341 7.86 10.81 8.23
CA MET A 341 7.88 10.24 6.88
C MET A 341 7.05 11.08 5.89
N TYR A 342 7.38 10.92 4.62
CA TYR A 342 6.61 11.46 3.50
C TYR A 342 6.41 10.32 2.53
N ALA A 343 5.20 10.22 1.97
CA ALA A 343 4.93 9.35 0.81
C ALA A 343 3.99 10.08 -0.12
N SER A 344 4.16 9.88 -1.42
CA SER A 344 3.37 10.61 -2.40
C SER A 344 2.98 9.73 -3.59
N ASN A 345 1.82 10.01 -4.16
CA ASN A 345 1.45 9.43 -5.44
C ASN A 345 1.42 7.90 -5.37
N ILE A 346 0.64 7.41 -4.43
CA ILE A 346 0.50 6.00 -4.17
C ILE A 346 -0.91 5.59 -4.61
N THR A 347 -0.99 4.54 -5.43
CA THR A 347 -2.25 4.08 -5.96
C THR A 347 -2.39 2.59 -5.65
N VAL A 348 -3.46 2.21 -4.92
N VAL A 348 -3.43 2.23 -4.88
CA VAL A 348 -3.70 0.82 -4.53
CA VAL A 348 -3.68 0.84 -4.48
C VAL A 348 -5.11 0.43 -4.94
C VAL A 348 -5.12 0.50 -4.84
N GLU A 349 -5.23 -0.70 -5.65
N GLU A 349 -5.30 -0.47 -5.73
CA GLU A 349 -6.51 -1.17 -6.18
CA GLU A 349 -6.62 -0.75 -6.28
C GLU A 349 -6.76 -2.63 -5.84
C GLU A 349 -6.93 -2.25 -6.32
N ASP A 350 -8.00 -2.96 -5.50
N ASP A 350 -8.22 -2.57 -6.21
CA ASP A 350 -8.46 -4.36 -5.45
CA ASP A 350 -8.70 -3.94 -6.40
C ASP A 350 -7.59 -5.25 -4.55
C ASP A 350 -7.89 -4.94 -5.56
N CYS A 351 -7.55 -4.89 -3.27
N CYS A 351 -7.94 -4.76 -4.24
CA CYS A 351 -6.84 -5.69 -2.28
CA CYS A 351 -7.20 -5.63 -3.32
C CYS A 351 -7.82 -6.29 -1.29
C CYS A 351 -8.11 -6.39 -2.36
N ALA A 352 -7.53 -7.52 -0.86
N ALA A 352 -7.77 -7.65 -2.12
CA ALA A 352 -8.40 -8.24 0.05
CA ALA A 352 -8.56 -8.51 -1.23
C ALA A 352 -8.25 -7.75 1.49
C ALA A 352 -8.42 -8.02 0.19
N GLY A 353 -7.05 -7.29 1.85
N GLY A 353 -7.20 -7.75 0.60
CA GLY A 353 -6.84 -6.58 3.11
CA GLY A 353 -6.94 -7.22 1.92
C GLY A 353 -6.74 -5.08 2.90
C GLY A 353 -6.93 -5.71 1.89
N SER A 354 -6.34 -4.35 3.94
N SER A 354 -6.62 -5.09 3.03
CA SER A 354 -6.27 -2.89 3.87
CA SER A 354 -6.66 -3.64 3.12
C SER A 354 -5.45 -2.41 2.68
C SER A 354 -5.76 -3.00 2.09
N GLY A 355 -5.95 -1.40 2.00
N GLY A 355 -6.00 -1.72 1.83
CA GLY A 355 -5.14 -0.72 0.98
CA GLY A 355 -5.17 -0.97 0.90
C GLY A 355 -3.86 -0.14 1.55
C GLY A 355 -3.92 -0.44 1.56
N ALA A 356 -3.96 0.50 2.72
N ALA A 356 -4.06 0.08 2.78
CA ALA A 356 -2.81 1.11 3.39
CA ALA A 356 -2.95 0.73 3.46
C ALA A 356 -2.90 0.87 4.89
C ALA A 356 -2.98 0.49 4.97
N TYR A 357 -1.78 0.47 5.48
N TYR A 357 -1.78 0.39 5.55
CA TYR A 357 -1.67 0.23 6.91
CA TYR A 357 -1.61 0.16 6.97
C TYR A 357 -0.44 1.02 7.36
C TYR A 357 -0.42 0.99 7.43
N LEU A 358 -0.70 2.15 8.00
CA LEU A 358 0.34 3.15 8.23
C LEU A 358 0.54 3.38 9.72
N LEU A 359 1.57 2.75 10.28
CA LEU A 359 1.92 2.93 11.68
C LEU A 359 2.91 4.09 11.80
N THR A 360 2.42 5.27 11.40
CA THR A 360 3.27 6.44 11.24
C THR A 360 2.80 7.57 12.13
N HIS A 361 3.72 8.48 12.45
CA HIS A 361 3.45 9.64 13.30
C HIS A 361 4.18 10.83 12.72
N GLU A 362 3.57 12.01 12.82
CA GLU A 362 4.11 13.24 12.26
C GLU A 362 4.60 13.05 10.82
N SER A 363 3.77 12.35 10.04
CA SER A 363 4.10 12.03 8.66
C SER A 363 3.06 12.61 7.71
N VAL A 364 3.46 12.77 6.44
CA VAL A 364 2.64 13.43 5.44
C VAL A 364 2.43 12.50 4.25
N PHE A 365 1.17 12.37 3.82
CA PHE A 365 0.79 11.54 2.69
C PHE A 365 0.07 12.43 1.68
N THR A 366 0.61 12.47 0.45
CA THR A 366 0.10 13.37 -0.58
C THR A 366 -0.37 12.58 -1.79
N ASN A 367 -1.59 12.86 -2.24
CA ASN A 367 -2.18 12.22 -3.41
C ASN A 367 -2.17 10.70 -3.33
N ILE A 368 -2.96 10.19 -2.39
CA ILE A 368 -3.10 8.76 -2.14
C ILE A 368 -4.44 8.31 -2.73
N ALA A 369 -4.46 7.16 -3.40
CA ALA A 369 -5.69 6.61 -3.95
C ALA A 369 -5.80 5.17 -3.47
N ILE A 370 -6.87 4.90 -2.73
CA ILE A 370 -7.14 3.57 -2.16
C ILE A 370 -8.49 3.16 -2.71
N ILE A 371 -8.48 2.25 -3.70
CA ILE A 371 -9.63 2.01 -4.55
C ILE A 371 -10.04 0.54 -4.48
N ASP A 372 -11.16 0.27 -3.81
CA ASP A 372 -11.71 -1.08 -3.66
C ASP A 372 -10.72 -2.02 -2.95
N THR A 373 -10.52 -1.77 -1.66
CA THR A 373 -9.65 -2.61 -0.84
C THR A 373 -10.39 -3.12 0.38
N ASN A 374 -9.69 -3.92 1.19
CA ASN A 374 -10.32 -4.69 2.26
C ASN A 374 -11.55 -5.45 1.77
N THR A 375 -11.49 -5.94 0.54
CA THR A 375 -12.65 -6.57 -0.08
C THR A 375 -13.07 -7.87 0.62
N LYS A 376 -12.16 -8.50 1.36
CA LYS A 376 -12.50 -9.69 2.14
C LYS A 376 -12.63 -9.44 3.65
N ASP A 377 -12.63 -8.18 4.06
CA ASP A 377 -12.80 -7.84 5.50
C ASP A 377 -11.75 -8.47 6.41
N PHE A 378 -10.54 -8.63 5.89
CA PHE A 378 -9.43 -9.14 6.67
C PHE A 378 -8.99 -8.17 7.75
N GLN A 379 -9.15 -6.87 7.50
CA GLN A 379 -8.75 -5.86 8.46
C GLN A 379 -9.97 -5.04 8.86
N ALA A 380 -9.76 -4.10 9.78
CA ALA A 380 -10.84 -3.29 10.30
C ALA A 380 -11.22 -2.16 9.34
N ASN A 381 -10.37 -1.89 8.35
CA ASN A 381 -10.58 -0.74 7.48
C ASN A 381 -9.80 -0.85 6.16
N GLN A 382 -10.03 0.09 5.25
CA GLN A 382 -9.29 0.13 3.99
C GLN A 382 -7.98 0.91 4.13
N ILE A 383 -7.97 1.95 4.95
CA ILE A 383 -6.74 2.68 5.27
C ILE A 383 -6.74 3.01 6.74
N TYR A 384 -5.67 2.61 7.42
CA TYR A 384 -5.46 2.85 8.83
C TYR A 384 -4.21 3.68 9.02
N ILE A 385 -4.31 4.70 9.87
CA ILE A 385 -3.15 5.49 10.27
C ILE A 385 -3.18 5.63 11.78
N SER A 386 -2.11 5.22 12.44
CA SER A 386 -2.10 5.22 13.91
C SER A 386 -1.87 6.60 14.51
N GLY A 387 -0.81 7.28 14.07
CA GLY A 387 -0.33 8.50 14.70
C GLY A 387 -0.88 9.77 14.10
N ALA A 388 -0.28 10.88 14.51
CA ALA A 388 -0.78 12.20 14.17
C ALA A 388 -0.17 12.60 12.84
N CYS A 389 -0.88 12.30 11.76
CA CYS A 389 -0.38 12.54 10.41
C CYS A 389 -1.29 13.47 9.60
N ARG A 390 -0.79 13.84 8.42
CA ARG A 390 -1.52 14.67 7.49
C ARG A 390 -1.71 13.92 6.18
N VAL A 391 -2.95 13.92 5.70
CA VAL A 391 -3.24 13.37 4.39
C VAL A 391 -3.80 14.49 3.53
N ASN A 392 -3.15 14.72 2.39
CA ASN A 392 -3.54 15.76 1.46
C ASN A 392 -3.85 15.14 0.11
N GLY A 393 -5.14 14.88 -0.13
CA GLY A 393 -5.58 14.15 -1.31
C GLY A 393 -5.75 12.67 -1.02
N LEU A 394 -7.00 12.21 -0.97
CA LEU A 394 -7.29 10.80 -0.66
C LEU A 394 -8.50 10.34 -1.47
N ARG A 395 -8.25 9.52 -2.49
CA ARG A 395 -9.33 8.97 -3.28
C ARG A 395 -9.78 7.66 -2.63
N LEU A 396 -11.09 7.57 -2.37
CA LEU A 396 -11.68 6.39 -1.76
C LEU A 396 -12.87 5.92 -2.60
N ILE A 397 -12.94 4.60 -2.75
CA ILE A 397 -14.05 3.85 -3.36
C ILE A 397 -13.96 3.81 -4.88
N GLY A 398 -13.98 2.60 -5.43
CA GLY A 398 -14.13 2.39 -6.85
C GLY A 398 -15.58 2.04 -7.14
N ILE A 399 -15.83 0.77 -7.32
CA ILE A 399 -17.15 0.26 -7.70
C ILE A 399 -17.69 -0.77 -6.70
N ARG A 400 -16.90 -1.18 -5.72
CA ARG A 400 -17.34 -2.18 -4.74
C ARG A 400 -18.17 -1.55 -3.63
N SER A 401 -19.16 -2.30 -3.16
CA SER A 401 -19.91 -1.91 -1.96
C SER A 401 -19.31 -2.62 -0.76
N THR A 402 -19.68 -2.15 0.42
CA THR A 402 -19.29 -2.81 1.67
C THR A 402 -20.58 -3.14 2.39
N ASP A 403 -20.74 -4.42 2.75
CA ASP A 403 -21.99 -4.93 3.29
C ASP A 403 -22.04 -4.76 4.80
N GLY A 404 -20.87 -4.86 5.43
CA GLY A 404 -20.77 -4.82 6.89
C GLY A 404 -20.50 -3.43 7.43
N GLN A 405 -19.96 -3.39 8.64
CA GLN A 405 -19.81 -2.15 9.40
C GLN A 405 -18.38 -1.62 9.44
N SER A 406 -17.48 -2.17 8.62
CA SER A 406 -16.08 -1.76 8.70
C SER A 406 -15.92 -0.32 8.23
N LEU A 407 -14.98 0.37 8.85
CA LEU A 407 -14.62 1.72 8.48
C LEU A 407 -13.85 1.72 7.15
N THR A 408 -13.90 2.83 6.43
CA THR A 408 -13.14 2.97 5.20
C THR A 408 -11.78 3.54 5.56
N ILE A 409 -11.77 4.71 6.20
CA ILE A 409 -10.55 5.27 6.77
C ILE A 409 -10.72 5.39 8.29
N ASP A 410 -9.74 4.85 9.04
CA ASP A 410 -9.65 5.09 10.47
C ASP A 410 -8.27 5.66 10.71
N ALA A 411 -8.24 6.98 10.90
CA ALA A 411 -7.00 7.72 11.10
C ALA A 411 -7.29 8.72 12.20
N PRO A 412 -7.53 8.21 13.42
CA PRO A 412 -8.14 8.99 14.48
C PRO A 412 -7.34 10.19 14.97
N ASN A 413 -6.03 10.20 14.72
CA ASN A 413 -5.16 11.32 15.12
C ASN A 413 -4.74 12.19 13.94
N SER A 414 -5.27 11.90 12.75
CA SER A 414 -4.83 12.55 11.53
C SER A 414 -5.79 13.63 11.03
N THR A 415 -5.19 14.63 10.37
CA THR A 415 -5.91 15.72 9.74
C THR A 415 -5.87 15.50 8.22
N VAL A 416 -7.06 15.46 7.64
CA VAL A 416 -7.24 15.05 6.25
C VAL A 416 -7.98 16.14 5.48
N SER A 417 -7.62 16.26 4.20
CA SER A 417 -8.28 17.19 3.28
C SER A 417 -8.29 16.56 1.91
N GLY A 418 -9.31 16.85 1.10
CA GLY A 418 -9.32 16.41 -0.28
C GLY A 418 -9.73 14.97 -0.54
N ILE A 419 -10.70 14.46 0.21
CA ILE A 419 -11.28 13.17 -0.11
C ILE A 419 -12.15 13.30 -1.36
N THR A 420 -11.99 12.35 -2.27
CA THR A 420 -12.91 12.22 -3.40
C THR A 420 -13.40 10.77 -3.48
N GLY A 421 -14.60 10.60 -4.01
CA GLY A 421 -15.18 9.27 -4.17
C GLY A 421 -16.48 9.07 -3.41
N MET A 422 -17.16 7.97 -3.73
CA MET A 422 -18.48 7.70 -3.15
C MET A 422 -18.35 6.99 -1.81
N VAL A 423 -17.54 7.57 -0.92
CA VAL A 423 -17.37 7.04 0.43
C VAL A 423 -18.67 7.19 1.21
N ASP A 424 -18.96 6.21 2.06
CA ASP A 424 -20.06 6.29 3.01
C ASP A 424 -19.51 7.13 4.16
N PRO A 425 -20.07 8.32 4.39
CA PRO A 425 -19.45 9.23 5.37
C PRO A 425 -19.42 8.68 6.79
N SER A 426 -20.31 7.74 7.12
CA SER A 426 -20.30 7.10 8.43
C SER A 426 -19.06 6.22 8.62
N ARG A 427 -18.37 5.92 7.52
CA ARG A 427 -17.18 5.07 7.57
C ARG A 427 -15.86 5.85 7.48
N ILE A 428 -15.94 7.16 7.74
CA ILE A 428 -14.79 8.02 7.87
C ILE A 428 -14.58 8.30 9.35
N ASN A 429 -13.37 8.03 9.84
CA ASN A 429 -12.97 8.49 11.16
C ASN A 429 -11.60 9.14 11.11
N VAL A 430 -11.55 10.45 11.37
CA VAL A 430 -10.30 11.22 11.39
C VAL A 430 -10.35 12.21 12.54
N ALA A 431 -9.21 12.85 12.84
CA ALA A 431 -9.18 13.86 13.89
C ALA A 431 -9.82 15.15 13.43
N ASN A 432 -9.61 15.50 12.16
CA ASN A 432 -10.08 16.75 11.59
C ASN A 432 -10.15 16.55 10.07
N LEU A 433 -11.25 16.98 9.47
CA LEU A 433 -11.47 16.91 8.03
C LEU A 433 -11.87 18.30 7.57
N ALA A 434 -11.18 18.86 6.59
CA ALA A 434 -11.47 20.23 6.17
C ALA A 434 -11.07 20.54 4.73
N GLU A 435 -11.89 21.38 4.09
CA GLU A 435 -11.57 21.99 2.80
C GLU A 435 -11.52 23.50 3.03
N GLU A 436 -10.37 23.99 3.45
CA GLU A 436 -10.19 25.38 3.87
C GLU A 436 -10.12 26.36 2.71
N GLY A 437 -9.69 25.85 1.55
CA GLY A 437 -9.32 26.71 0.42
C GLY A 437 -10.07 26.46 -0.87
N LEU A 438 -11.37 26.14 -0.77
CA LEU A 438 -12.19 26.04 -1.97
C LEU A 438 -12.58 27.45 -2.44
N GLY A 439 -12.93 27.55 -3.72
CA GLY A 439 -13.42 28.81 -4.26
C GLY A 439 -14.93 28.90 -4.13
N ASN A 440 -15.55 29.75 -4.94
CA ASN A 440 -17.00 29.75 -5.07
C ASN A 440 -17.41 28.36 -5.53
N ILE A 441 -18.52 27.87 -5.00
CA ILE A 441 -18.90 26.47 -5.14
C ILE A 441 -20.24 26.33 -5.83
N ARG A 442 -20.39 25.26 -6.62
CA ARG A 442 -21.71 24.85 -7.11
C ARG A 442 -21.88 23.36 -6.88
N ALA A 443 -23.02 23.00 -6.32
CA ALA A 443 -23.44 21.62 -6.16
C ALA A 443 -24.39 21.27 -7.28
N ASN A 444 -23.96 20.36 -8.15
CA ASN A 444 -24.70 19.94 -9.32
C ASN A 444 -25.32 18.56 -9.08
N SER A 445 -26.64 18.48 -9.15
CA SER A 445 -27.35 17.27 -8.84
C SER A 445 -27.97 16.63 -10.09
N PHE A 446 -27.68 15.34 -10.26
CA PHE A 446 -28.14 14.52 -11.37
C PHE A 446 -28.93 13.34 -10.81
N GLY A 447 -30.04 13.02 -11.46
CA GLY A 447 -30.82 11.82 -11.10
C GLY A 447 -31.72 12.00 -9.88
N TYR A 448 -31.88 13.24 -9.44
CA TYR A 448 -32.75 13.59 -8.32
C TYR A 448 -33.58 14.82 -8.66
N ASP A 449 -34.67 15.00 -7.93
CA ASP A 449 -35.49 16.22 -8.04
C ASP A 449 -35.01 17.30 -7.09
N SER A 450 -33.85 17.09 -6.48
CA SER A 450 -33.29 18.06 -5.58
C SER A 450 -31.76 18.04 -5.62
N ALA A 451 -31.18 19.12 -5.11
CA ALA A 451 -29.74 19.23 -4.90
C ALA A 451 -29.55 19.50 -3.42
N ALA A 452 -28.42 19.09 -2.87
CA ALA A 452 -28.21 19.16 -1.44
C ALA A 452 -26.78 19.53 -1.06
N ILE A 453 -26.69 20.37 -0.03
CA ILE A 453 -25.46 20.64 0.68
C ILE A 453 -25.75 20.29 2.13
N LYS A 454 -25.21 19.15 2.57
CA LYS A 454 -25.51 18.59 3.88
C LYS A 454 -24.38 18.87 4.87
N LEU A 455 -24.76 18.88 6.16
CA LEU A 455 -23.80 18.98 7.25
C LEU A 455 -23.96 17.78 8.17
N ARG A 456 -22.83 17.23 8.60
CA ARG A 456 -22.83 16.10 9.55
C ARG A 456 -21.79 16.33 10.63
N ILE A 457 -22.26 16.37 11.88
CA ILE A 457 -21.41 16.55 13.06
C ILE A 457 -21.15 15.15 13.64
N HIS A 458 -19.97 14.59 13.41
CA HIS A 458 -19.74 13.20 13.76
C HIS A 458 -19.81 12.93 15.26
N LYS A 459 -19.49 13.95 16.06
CA LYS A 459 -19.68 13.83 17.52
C LYS A 459 -21.14 13.57 17.90
N LEU A 460 -22.06 14.19 17.16
CA LEU A 460 -23.50 14.01 17.37
C LEU A 460 -23.98 12.67 16.81
N SER A 461 -23.66 12.42 15.55
CA SER A 461 -24.02 11.18 14.89
C SER A 461 -23.13 11.00 13.66
N LYS A 462 -22.58 9.80 13.52
CA LYS A 462 -21.82 9.46 12.32
C LYS A 462 -22.71 9.05 11.16
N THR A 463 -23.98 8.74 11.43
CA THR A 463 -24.87 8.14 10.43
C THR A 463 -25.98 9.04 9.93
N LEU A 464 -26.23 10.14 10.64
CA LEU A 464 -27.33 11.05 10.32
C LEU A 464 -26.82 12.47 10.09
N ASP A 465 -27.24 13.09 9.00
CA ASP A 465 -26.93 14.50 8.75
C ASP A 465 -27.69 15.36 9.75
N SER A 466 -27.02 16.38 10.28
CA SER A 466 -27.58 17.21 11.35
C SER A 466 -28.31 18.43 10.81
N GLY A 467 -28.03 18.79 9.56
CA GLY A 467 -28.68 19.92 8.93
C GLY A 467 -28.40 19.90 7.44
N ALA A 468 -29.17 20.68 6.68
CA ALA A 468 -29.00 20.71 5.23
C ALA A 468 -29.50 22.00 4.62
N LEU A 469 -28.91 22.30 3.47
CA LEU A 469 -29.40 23.30 2.55
C LEU A 469 -29.82 22.55 1.29
N TYR A 470 -31.12 22.54 1.00
CA TYR A 470 -31.64 21.87 -0.20
C TYR A 470 -32.19 22.86 -1.20
N SER A 471 -32.19 22.41 -2.46
CA SER A 471 -33.03 23.01 -3.50
C SER A 471 -33.86 21.90 -4.10
N HIS A 472 -35.17 22.12 -4.17
CA HIS A 472 -36.14 21.12 -4.65
C HIS A 472 -36.97 21.64 -5.80
N ILE A 473 -37.20 20.82 -6.81
CA ILE A 473 -38.06 21.19 -7.93
C ILE A 473 -39.50 21.48 -7.46
N ASN A 474 -40.07 22.58 -7.94
N ASN A 474 -40.08 22.56 -7.96
CA ASN A 474 -41.51 22.86 -7.85
CA ASN A 474 -41.52 22.81 -7.86
C ASN A 474 -42.12 22.50 -9.21
C ASN A 474 -42.21 22.18 -9.07
N GLY A 475 -43.13 21.63 -9.20
N GLY A 475 -43.17 21.31 -8.82
CA GLY A 475 -43.72 21.15 -10.44
CA GLY A 475 -43.92 20.68 -9.89
C GLY A 475 -42.88 20.03 -11.02
C GLY A 475 -43.06 19.91 -10.89
N GLY A 476 -42.44 20.20 -12.26
N GLY A 476 -43.42 20.01 -12.17
CA GLY A 476 -41.58 19.22 -12.92
CA GLY A 476 -42.73 19.27 -13.22
C GLY A 476 -40.42 19.87 -13.65
C GLY A 476 -41.33 19.78 -13.50
N ALA A 477 -39.75 19.07 -14.49
N ALA A 477 -40.54 18.95 -14.18
CA ALA A 477 -38.64 19.55 -15.32
CA ALA A 477 -39.14 19.26 -14.47
C ALA A 477 -39.07 20.75 -16.15
C ALA A 477 -39.00 20.49 -15.37
N GLY A 478 -38.19 21.73 -16.29
N GLY A 478 -40.11 20.95 -15.93
CA GLY A 478 -38.48 22.89 -17.13
CA GLY A 478 -40.07 22.09 -16.83
C GLY A 478 -39.46 23.90 -16.55
C GLY A 478 -40.69 23.32 -16.20
N SER A 479 -39.86 23.73 -15.29
N SER A 479 -40.81 23.30 -14.88
CA SER A 479 -40.80 24.65 -14.65
CA SER A 479 -41.48 24.37 -14.14
C SER A 479 -40.20 26.01 -14.37
C SER A 479 -40.65 25.64 -14.05
N GLY A 480 -38.88 26.07 -14.31
N GLY A 480 -39.34 25.51 -14.22
CA GLY A 480 -38.18 27.30 -13.94
CA GLY A 480 -38.45 26.66 -14.06
C GLY A 480 -38.42 27.71 -12.50
C GLY A 480 -38.49 27.24 -12.66
N SER A 481 -38.80 26.75 -11.65
N SER A 481 -38.96 26.46 -11.70
CA SER A 481 -39.15 27.03 -10.27
CA SER A 481 -39.11 26.94 -10.34
C SER A 481 -38.66 25.93 -9.32
C SER A 481 -38.65 25.90 -9.32
N ALA A 482 -38.02 26.36 -8.24
CA ALA A 482 -37.58 25.48 -7.17
C ALA A 482 -37.79 26.17 -5.82
N TYR A 483 -37.80 25.37 -4.76
CA TYR A 483 -37.75 25.92 -3.41
C TYR A 483 -36.49 25.53 -2.67
N THR A 484 -36.01 26.47 -1.86
CA THR A 484 -34.83 26.31 -1.07
C THR A 484 -35.25 26.04 0.37
N GLN A 485 -34.53 25.15 1.01
CA GLN A 485 -34.92 24.66 2.33
C GLN A 485 -33.70 24.59 3.23
N LEU A 486 -33.85 25.12 4.44
CA LEU A 486 -32.81 25.08 5.45
C LEU A 486 -33.35 24.23 6.59
N THR A 487 -32.66 23.14 6.90
CA THR A 487 -33.18 22.14 7.84
C THR A 487 -32.28 21.87 9.02
N ALA A 488 -32.88 21.29 10.06
CA ALA A 488 -32.17 20.85 11.26
C ALA A 488 -32.76 19.54 11.77
N ILE A 489 -31.89 18.71 12.33
CA ILE A 489 -32.29 17.44 12.91
C ILE A 489 -32.92 17.61 14.30
N SER A 490 -33.95 16.82 14.57
CA SER A 490 -34.56 16.76 15.91
C SER A 490 -35.07 15.34 16.12
N GLY A 491 -34.90 14.83 17.34
CA GLY A 491 -35.33 13.48 17.67
C GLY A 491 -34.73 12.41 16.78
N SER A 492 -33.49 12.64 16.35
CA SER A 492 -32.79 11.75 15.43
C SER A 492 -33.47 11.59 14.06
N THR A 493 -34.30 12.57 13.67
CA THR A 493 -35.00 12.55 12.41
C THR A 493 -34.43 13.65 11.53
N PRO A 494 -33.58 13.27 10.54
CA PRO A 494 -33.01 14.31 9.70
C PRO A 494 -34.09 15.18 9.07
N ASP A 495 -33.77 16.45 8.90
CA ASP A 495 -34.67 17.42 8.26
C ASP A 495 -36.01 17.62 8.98
N ALA A 496 -36.03 17.38 10.28
CA ALA A 496 -37.26 17.43 11.07
C ALA A 496 -37.87 18.82 11.13
N VAL A 497 -37.00 19.82 11.16
CA VAL A 497 -37.42 21.23 11.33
C VAL A 497 -36.84 22.01 10.15
N SER A 498 -37.66 22.82 9.49
CA SER A 498 -37.13 23.54 8.34
C SER A 498 -37.82 24.84 8.03
N LEU A 499 -37.02 25.73 7.42
CA LEU A 499 -37.48 26.97 6.83
C LEU A 499 -37.41 26.82 5.32
N LYS A 500 -38.44 27.27 4.61
CA LYS A 500 -38.50 27.15 3.16
C LYS A 500 -38.64 28.51 2.49
N VAL A 501 -38.12 28.61 1.26
CA VAL A 501 -38.26 29.80 0.45
C VAL A 501 -38.79 29.37 -0.91
N ASN A 502 -39.98 29.87 -1.27
CA ASN A 502 -40.61 29.59 -2.56
C ASN A 502 -41.25 28.20 -2.76
N HIS A 503 -41.65 27.53 -1.68
CA HIS A 503 -42.39 26.28 -1.80
C HIS A 503 -43.64 26.49 -2.68
N LYS A 504 -43.85 25.60 -3.64
CA LYS A 504 -44.99 25.67 -4.58
C LYS A 504 -45.01 26.98 -5.39
N ASP A 505 -43.83 27.55 -5.60
CA ASP A 505 -43.64 28.81 -6.32
C ASP A 505 -44.41 29.97 -5.68
N CYS A 506 -44.62 29.91 -4.36
CA CYS A 506 -45.44 30.90 -3.67
C CYS A 506 -44.73 32.25 -3.46
N ARG A 507 -43.43 32.29 -3.68
CA ARG A 507 -42.59 33.50 -3.55
C ARG A 507 -42.41 34.01 -2.11
N GLY A 508 -42.74 33.16 -1.14
CA GLY A 508 -42.67 33.52 0.28
C GLY A 508 -41.83 32.56 1.09
N ALA A 509 -41.45 33.02 2.29
CA ALA A 509 -40.74 32.17 3.24
C ALA A 509 -41.69 31.49 4.22
N GLU A 510 -41.59 30.18 4.31
CA GLU A 510 -42.31 29.40 5.30
C GLU A 510 -41.44 29.23 6.53
N ILE A 511 -41.93 29.70 7.67
CA ILE A 511 -41.15 29.86 8.89
C ILE A 511 -41.67 28.93 9.98
N PRO A 512 -40.81 28.04 10.51
CA PRO A 512 -41.22 27.15 11.59
C PRO A 512 -41.37 27.90 12.90
N PHE A 513 -42.39 27.56 13.69
CA PHE A 513 -42.55 28.16 15.01
C PHE A 513 -42.59 27.08 16.08
N VAL A 514 -42.23 27.47 17.31
CA VAL A 514 -42.26 26.56 18.45
C VAL A 514 -43.72 26.14 18.68
N PRO A 515 -44.01 24.82 18.71
CA PRO A 515 -45.39 24.33 18.72
C PRO A 515 -46.15 24.49 20.04
N ASP A 516 -45.51 25.07 21.05
CA ASP A 516 -46.12 25.32 22.34
C ASP A 516 -45.45 26.56 22.95
N ILE A 517 -45.72 26.86 24.22
CA ILE A 517 -45.16 28.05 24.83
C ILE A 517 -43.63 27.95 24.91
N ALA A 518 -42.92 28.92 24.35
CA ALA A 518 -41.46 28.86 24.31
C ALA A 518 -40.91 29.22 25.68
N SER A 519 -39.97 28.42 26.17
CA SER A 519 -39.23 28.74 27.38
C SER A 519 -38.29 29.91 27.13
N ASP A 520 -37.99 30.65 28.20
CA ASP A 520 -37.08 31.78 28.15
C ASP A 520 -35.76 31.41 27.48
N ASP A 521 -35.23 30.23 27.79
CA ASP A 521 -33.89 29.86 27.32
C ASP A 521 -33.85 29.45 25.85
N PHE A 522 -35.01 29.33 25.20
CA PHE A 522 -35.06 28.96 23.79
C PHE A 522 -34.45 29.99 22.85
N ILE A 523 -34.48 31.25 23.26
CA ILE A 523 -33.97 32.34 22.41
C ILE A 523 -32.49 32.58 22.74
N LYS A 524 -31.67 32.69 21.70
CA LYS A 524 -30.22 32.77 21.87
C LYS A 524 -29.70 34.20 21.93
N ASP A 525 -30.01 34.99 20.90
CA ASP A 525 -29.34 36.27 20.67
C ASP A 525 -30.23 37.49 20.89
N SER A 526 -29.61 38.58 21.31
CA SER A 526 -30.31 39.84 21.49
C SER A 526 -30.75 40.40 20.14
N SER A 527 -31.80 41.23 20.18
CA SER A 527 -32.41 41.80 18.99
C SER A 527 -32.90 40.73 18.02
N CYS A 528 -33.46 39.66 18.57
CA CYS A 528 -34.05 38.56 17.82
C CYS A 528 -35.40 38.19 18.42
N PHE A 529 -36.25 37.59 17.61
CA PHE A 529 -37.52 37.05 18.09
C PHE A 529 -37.76 35.62 17.64
N LEU A 530 -38.50 34.89 18.47
CA LEU A 530 -38.81 33.49 18.24
C LEU A 530 -40.33 33.29 18.31
N PRO A 531 -40.97 32.99 17.18
CA PRO A 531 -42.41 32.77 17.17
C PRO A 531 -42.78 31.48 17.86
N TYR A 532 -43.92 31.49 18.56
CA TYR A 532 -44.40 30.28 19.20
C TYR A 532 -45.93 30.29 19.28
N TRP A 533 -46.47 29.10 19.51
CA TRP A 533 -47.90 28.88 19.39
C TRP A 533 -48.58 28.97 20.74
N GLU A 534 -49.64 29.77 20.80
CA GLU A 534 -50.55 29.82 21.95
C GLU A 534 -51.88 29.21 21.52
N ASN A 535 -52.04 27.93 21.82
CA ASN A 535 -53.18 27.19 21.32
C ASN A 535 -54.49 27.67 21.92
N ASN A 536 -54.44 28.20 23.14
CA ASN A 536 -55.68 28.57 23.85
C ASN A 536 -56.35 29.83 23.31
N SER A 537 -55.66 30.55 22.42
CA SER A 537 -56.22 31.72 21.75
C SER A 537 -56.10 31.68 20.22
N THR A 538 -55.55 30.58 19.68
CA THR A 538 -55.27 30.46 18.27
C THR A 538 -54.43 31.66 17.81
N SER A 539 -53.32 31.86 18.51
CA SER A 539 -52.46 33.02 18.27
C SER A 539 -51.01 32.58 18.15
N LEU A 540 -50.27 33.26 17.30
CA LEU A 540 -48.82 33.22 17.35
C LEU A 540 -48.33 34.32 18.29
N LYS A 541 -47.39 33.95 19.16
CA LYS A 541 -46.70 34.89 20.02
C LYS A 541 -45.25 35.00 19.57
N ALA A 542 -44.54 35.97 20.10
CA ALA A 542 -43.11 36.14 19.84
C ALA A 542 -42.38 36.28 21.16
N LEU A 543 -41.46 35.37 21.42
CA LEU A 543 -40.51 35.55 22.51
C LEU A 543 -39.43 36.46 21.95
N VAL A 544 -39.31 37.64 22.53
CA VAL A 544 -38.39 38.66 22.06
C VAL A 544 -37.25 38.86 23.04
N LYS A 545 -36.01 38.75 22.55
CA LYS A 545 -34.87 39.21 23.31
C LYS A 545 -34.54 40.58 22.75
N LYS A 546 -34.82 41.61 23.54
CA LYS A 546 -34.68 42.99 23.10
C LYS A 546 -33.22 43.35 22.85
N PRO A 547 -32.96 44.45 22.14
CA PRO A 547 -31.58 44.88 21.96
C PRO A 547 -30.77 44.99 23.26
N ASN A 548 -31.40 45.34 24.38
CA ASN A 548 -30.70 45.40 25.67
C ASN A 548 -30.56 44.03 26.36
N GLY A 549 -31.03 42.98 25.71
CA GLY A 549 -30.88 41.61 26.21
C GLY A 549 -32.00 41.11 27.11
N GLU A 550 -32.95 41.98 27.45
CA GLU A 550 -34.05 41.60 28.32
C GLU A 550 -35.16 40.97 27.50
N LEU A 551 -35.88 40.04 28.12
CA LEU A 551 -36.92 39.28 27.43
C LEU A 551 -38.30 39.93 27.59
N VAL A 552 -39.07 39.89 26.51
CA VAL A 552 -40.48 40.28 26.56
C VAL A 552 -41.26 39.36 25.63
N ARG A 553 -42.52 39.14 25.96
CA ARG A 553 -43.39 38.29 25.15
C ARG A 553 -44.49 39.14 24.51
N LEU A 554 -44.57 39.06 23.19
CA LEU A 554 -45.48 39.85 22.40
C LEU A 554 -46.45 38.95 21.64
N THR A 555 -47.56 39.55 21.21
CA THR A 555 -48.52 38.89 20.32
C THR A 555 -48.11 39.18 18.88
N LEU A 556 -47.94 38.13 18.09
CA LEU A 556 -47.41 38.21 16.73
C LEU A 556 -48.47 38.08 15.65
N ALA A 557 -49.40 37.14 15.80
CA ALA A 557 -50.47 36.98 14.84
C ALA A 557 -51.74 36.50 15.54
N THR A 558 -52.87 37.08 15.13
CA THR A 558 -54.14 36.87 15.80
C THR A 558 -55.26 36.53 14.81
N LEU A 559 -56.27 35.84 15.31
CA LEU A 559 -57.51 35.62 14.57
C LEU A 559 -58.21 36.94 14.27
C1 GOL B . 17.58 -21.59 -20.79
O1 GOL B . 16.27 -21.77 -21.27
C2 GOL B . 18.28 -20.42 -21.46
O2 GOL B . 17.37 -19.36 -21.71
C3 GOL B . 19.40 -19.93 -20.55
O3 GOL B . 20.47 -19.47 -21.34
C1 GOL C . 4.69 -13.14 6.80
O1 GOL C . 4.61 -13.47 8.18
C2 GOL C . 4.98 -11.65 6.61
O2 GOL C . 5.99 -11.23 7.49
C3 GOL C . 5.35 -11.40 5.15
O3 GOL C . 6.72 -11.08 4.95
C1 GOL D . -30.35 14.97 -3.35
O1 GOL D . -31.15 15.87 -2.59
C2 GOL D . -29.24 14.39 -2.48
O2 GOL D . -29.72 14.11 -1.19
C3 GOL D . -28.71 13.10 -3.10
O3 GOL D . -28.01 12.37 -2.13
C1 GOL E . 18.51 -13.76 6.73
O1 GOL E . 18.44 -14.63 7.84
C2 GOL E . 17.56 -14.17 5.60
O2 GOL E . 16.25 -14.37 6.10
C3 GOL E . 17.51 -13.07 4.54
O3 GOL E . 18.55 -13.25 3.61
S SO4 F . 9.95 -20.92 7.12
O1 SO4 F . 10.10 -21.13 8.57
O2 SO4 F . 9.85 -19.48 6.88
O3 SO4 F . 11.15 -21.43 6.46
O4 SO4 F . 8.75 -21.58 6.61
S SO4 G . -6.98 -27.15 13.35
O1 SO4 G . -8.16 -26.81 14.62
O2 SO4 G . -7.37 -26.51 12.06
O3 SO4 G . -5.64 -26.38 13.71
O4 SO4 G . -6.65 -28.90 13.32
CA CA H . -48.91 41.02 14.43
#